data_7KIR
#
_entry.id   7KIR
#
_cell.length_a   51.437
_cell.length_b   51.437
_cell.length_c   142.938
_cell.angle_alpha   90.000
_cell.angle_beta   90.000
_cell.angle_gamma   90.000
#
_symmetry.space_group_name_H-M   'P 41'
#
loop_
_entity.id
_entity.type
_entity.pdbx_description
1 polymer 'Inositol polyphosphate 1-phosphatase'
2 non-polymer D-MYO-INOSITOL-1,4-BISPHOSPHATE
3 non-polymer 'CALCIUM ION'
4 water water
#
_entity_poly.entity_id   1
_entity_poly.type   'polypeptide(L)'
_entity_poly.pdbx_seq_one_letter_code
;MSDILQELLRVSEKAANIARACRQQETLFQLLIEEKKEGEKNKKFAVDFKTLAAVLVQEVIKENMENKFPGLGKKIFGEE
SNELTNDLGEKIIMRLGPTEEETVALLSKVLNGNKLASEALAKVVHQDVFFSDPALDSVEINIPQDILGIWVDPIDSTYQ
YIKGSADITPNQGIFPSGLQCVTVLIGVYDIQTGVPLMGVINQPFVSQDLHTRRWKGQCYWGLSYLGTNIHSLLPPVSTR
SNSEAQSQGTQNPSSEGSCRFSVVISTSEKETIKGALSHVCGERIFRAAGAGYKSLCVILGLADIYIFSEDTTFKWDSCA
AHAILRAMGGGMVDLKECLERNPDTGLDLPQLVYHVGNEGAAGVDQWANKGGLIAYRSEKQLETFLSRLLQHLAPVATHT
;
_entity_poly.pdbx_strand_id   A
#
loop_
_chem_comp.id
_chem_comp.type
_chem_comp.name
_chem_comp.formula
2IP non-polymer D-MYO-INOSITOL-1,4-BISPHOSPHATE 'C6 H14 O12 P2'
CA non-polymer 'CALCIUM ION' 'Ca 2'
#
# COMPACT_ATOMS: atom_id res chain seq x y z
N MET A 1 -11.70 12.15 6.54
CA MET A 1 -12.39 11.91 7.80
C MET A 1 -12.51 10.44 8.13
N SER A 2 -13.02 10.16 9.34
CA SER A 2 -13.13 8.78 9.79
C SER A 2 -14.02 7.95 8.88
N ASP A 3 -15.06 8.55 8.28
CA ASP A 3 -15.92 7.84 7.35
C ASP A 3 -15.14 7.42 6.10
N ILE A 4 -14.38 8.37 5.54
CA ILE A 4 -13.57 8.07 4.36
C ILE A 4 -12.57 6.98 4.69
N LEU A 5 -12.03 7.02 5.91
CA LEU A 5 -11.05 6.03 6.33
C LEU A 5 -11.69 4.65 6.44
N GLN A 6 -12.92 4.58 6.94
CA GLN A 6 -13.61 3.29 7.03
C GLN A 6 -13.86 2.70 5.65
N GLU A 7 -14.32 3.55 4.72
CA GLU A 7 -14.47 3.10 3.34
C GLU A 7 -13.14 2.66 2.74
N LEU A 8 -12.04 3.36 3.04
CA LEU A 8 -10.73 2.97 2.54
C LEU A 8 -10.29 1.61 3.08
N LEU A 9 -10.60 1.34 4.35
CA LEU A 9 -10.34 0.00 4.91
C LEU A 9 -11.13 -1.06 4.16
N ARG A 10 -12.40 -0.78 3.87
CA ARG A 10 -13.25 -1.74 3.18
C ARG A 10 -12.69 -2.07 1.79
N VAL A 11 -12.38 -1.02 1.02
CA VAL A 11 -11.84 -1.27 -0.31
C VAL A 11 -10.44 -1.88 -0.23
N SER A 12 -9.70 -1.64 0.85
CA SER A 12 -8.43 -2.34 1.03
C SER A 12 -8.65 -3.84 1.17
N GLU A 13 -9.71 -4.23 1.88
CA GLU A 13 -9.99 -5.66 1.99
C GLU A 13 -10.44 -6.23 0.65
N LYS A 14 -11.18 -5.46 -0.14
CA LYS A 14 -11.56 -5.94 -1.47
C LYS A 14 -10.33 -6.11 -2.37
N ALA A 15 -9.37 -5.19 -2.24
CA ALA A 15 -8.12 -5.28 -3.00
C ALA A 15 -7.31 -6.50 -2.58
N ALA A 16 -7.22 -6.75 -1.27
CA ALA A 16 -6.58 -7.98 -0.80
C ALA A 16 -7.28 -9.22 -1.33
N ASN A 17 -8.61 -9.18 -1.44
CA ASN A 17 -9.35 -10.32 -1.97
C ASN A 17 -8.97 -10.59 -3.42
N ILE A 18 -8.90 -9.54 -4.25
CA ILE A 18 -8.47 -9.73 -5.64
C ILE A 18 -7.05 -10.31 -5.68
N ALA A 19 -6.15 -9.77 -4.86
CA ALA A 19 -4.77 -10.24 -4.87
C ALA A 19 -4.68 -11.71 -4.49
N ARG A 20 -5.42 -12.12 -3.46
CA ARG A 20 -5.42 -13.52 -3.04
C ARG A 20 -6.05 -14.41 -4.11
N ALA A 21 -7.16 -13.95 -4.71
CA ALA A 21 -7.86 -14.74 -5.72
C ALA A 21 -6.96 -15.07 -6.90
N CYS A 22 -6.16 -14.10 -7.34
CA CYS A 22 -5.29 -14.34 -8.48
C CYS A 22 -4.23 -15.42 -8.24
N ARG A 23 -4.01 -15.83 -6.99
CA ARG A 23 -3.02 -16.85 -6.68
C ARG A 23 -3.60 -18.12 -6.06
N GLN A 24 -4.86 -18.10 -5.64
CA GLN A 24 -5.46 -19.27 -5.00
C GLN A 24 -6.56 -19.93 -5.81
N GLN A 25 -6.91 -19.38 -6.97
CA GLN A 25 -7.85 -20.02 -7.89
C GLN A 25 -7.09 -20.45 -9.13
N GLU A 26 -7.29 -21.72 -9.53
CA GLU A 26 -6.43 -22.37 -10.52
C GLU A 26 -6.47 -21.64 -11.86
N THR A 27 -7.65 -21.19 -12.29
CA THR A 27 -7.75 -20.50 -13.58
C THR A 27 -7.02 -19.16 -13.57
N LEU A 28 -6.96 -18.49 -12.42
CA LEU A 28 -6.24 -17.22 -12.34
C LEU A 28 -4.74 -17.45 -12.11
N PHE A 29 -4.41 -18.48 -11.32
CA PHE A 29 -3.03 -18.91 -11.14
C PHE A 29 -2.39 -19.38 -12.45
N GLN A 30 -3.21 -19.79 -13.43
CA GLN A 30 -2.74 -20.05 -14.78
C GLN A 30 -1.84 -18.94 -15.30
N LEU A 31 -2.39 -17.73 -15.42
CA LEU A 31 -1.72 -16.62 -16.09
C LEU A 31 -0.76 -15.84 -15.20
N ASP A 48 0.53 -9.02 -20.14
CA ASP A 48 1.21 -9.10 -18.84
C ASP A 48 0.21 -9.14 -17.67
N PHE A 49 0.22 -10.24 -16.93
CA PHE A 49 -0.81 -10.48 -15.92
C PHE A 49 -0.62 -9.64 -14.67
N LYS A 50 0.63 -9.35 -14.28
CA LYS A 50 0.88 -8.60 -13.06
C LYS A 50 0.35 -7.18 -13.18
N THR A 51 0.62 -6.50 -14.30
CA THR A 51 0.08 -5.16 -14.48
C THR A 51 -1.42 -5.19 -14.66
N LEU A 52 -1.96 -6.28 -15.24
CA LEU A 52 -3.41 -6.43 -15.30
C LEU A 52 -4.01 -6.41 -13.90
N ALA A 53 -3.48 -7.24 -12.99
CA ALA A 53 -4.00 -7.28 -11.62
C ALA A 53 -3.80 -5.93 -10.93
N ALA A 54 -2.65 -5.28 -11.15
CA ALA A 54 -2.38 -4.01 -10.48
C ALA A 54 -3.33 -2.92 -10.95
N VAL A 55 -3.42 -2.72 -12.27
CA VAL A 55 -4.35 -1.75 -12.85
C VAL A 55 -5.78 -2.03 -12.40
N LEU A 56 -6.17 -3.30 -12.38
CA LEU A 56 -7.52 -3.65 -11.96
C LEU A 56 -7.78 -3.25 -10.51
N VAL A 57 -6.83 -3.56 -9.62
CA VAL A 57 -7.01 -3.27 -8.20
C VAL A 57 -7.07 -1.76 -7.96
N GLN A 58 -6.18 -1.01 -8.61
CA GLN A 58 -6.22 0.44 -8.51
C GLN A 58 -7.56 0.99 -9.00
N GLU A 59 -8.07 0.45 -10.10
CA GLU A 59 -9.34 0.94 -10.63
C GLU A 59 -10.50 0.59 -9.72
N VAL A 60 -10.43 -0.58 -9.06
CA VAL A 60 -11.47 -0.94 -8.11
C VAL A 60 -11.51 0.05 -6.95
N ILE A 61 -10.32 0.38 -6.42
CA ILE A 61 -10.21 1.36 -5.34
C ILE A 61 -10.80 2.70 -5.78
N LYS A 62 -10.38 3.18 -6.95
CA LYS A 62 -10.77 4.50 -7.43
C LYS A 62 -12.29 4.59 -7.62
N GLU A 63 -12.88 3.59 -8.29
CA GLU A 63 -14.31 3.66 -8.60
C GLU A 63 -15.15 3.51 -7.34
N ASN A 64 -14.73 2.66 -6.39
CA ASN A 64 -15.48 2.53 -5.15
C ASN A 64 -15.47 3.84 -4.39
N MET A 65 -14.31 4.52 -4.31
CA MET A 65 -14.26 5.75 -3.56
C MET A 65 -15.05 6.87 -4.24
N GLU A 66 -15.01 6.93 -5.58
CA GLU A 66 -15.80 7.92 -6.29
C GLU A 66 -17.29 7.68 -6.09
N ASN A 67 -17.73 6.42 -6.14
CA ASN A 67 -19.15 6.14 -6.01
C ASN A 67 -19.65 6.45 -4.61
N LYS A 68 -18.85 6.13 -3.58
CA LYS A 68 -19.29 6.45 -2.23
C LYS A 68 -19.13 7.93 -1.90
N PHE A 69 -18.17 8.61 -2.52
CA PHE A 69 -17.86 10.00 -2.22
C PHE A 69 -17.64 10.74 -3.53
N PRO A 70 -18.70 11.20 -4.19
CA PRO A 70 -18.56 11.87 -5.49
C PRO A 70 -17.56 13.01 -5.45
N GLY A 71 -16.83 13.18 -6.54
CA GLY A 71 -15.75 14.15 -6.61
C GLY A 71 -14.41 13.65 -6.12
N LEU A 72 -14.40 12.59 -5.30
CA LEU A 72 -13.14 12.06 -4.78
C LEU A 72 -12.38 11.32 -5.86
N GLY A 73 -13.10 10.71 -6.82
CA GLY A 73 -12.47 9.82 -7.77
C GLY A 73 -11.41 10.46 -8.62
N LYS A 74 -11.55 11.74 -8.92
CA LYS A 74 -10.47 12.43 -9.62
C LYS A 74 -9.27 12.71 -8.73
N LYS A 75 -9.43 12.71 -7.40
CA LYS A 75 -8.31 13.03 -6.52
C LYS A 75 -7.44 11.82 -6.15
N ILE A 76 -7.69 10.66 -6.74
CA ILE A 76 -6.99 9.43 -6.39
C ILE A 76 -5.90 9.19 -7.43
N PHE A 77 -4.65 9.36 -7.02
CA PHE A 77 -3.50 9.12 -7.88
C PHE A 77 -2.83 7.80 -7.49
N GLY A 78 -2.10 7.22 -8.45
CA GLY A 78 -1.51 5.92 -8.19
C GLY A 78 -0.34 5.62 -9.09
N GLU A 79 0.23 4.43 -8.90
CA GLU A 79 1.36 4.00 -9.71
C GLU A 79 0.92 3.52 -11.09
N GLU A 80 -0.27 2.97 -11.21
CA GLU A 80 -0.69 2.36 -12.46
C GLU A 80 -1.52 3.32 -13.30
N SER A 81 -1.41 3.15 -14.61
CA SER A 81 -2.32 3.76 -15.56
C SER A 81 -3.68 3.07 -15.48
N ASN A 82 -4.68 3.68 -16.12
CA ASN A 82 -5.95 3.01 -16.35
C ASN A 82 -6.04 2.41 -17.74
N GLU A 83 -5.01 2.59 -18.57
CA GLU A 83 -4.96 1.97 -19.88
C GLU A 83 -4.12 0.72 -19.82
N LEU A 84 -4.52 -0.30 -20.58
CA LEU A 84 -3.74 -1.50 -20.80
C LEU A 84 -3.58 -1.71 -22.30
N THR A 85 -2.64 -2.57 -22.66
CA THR A 85 -2.40 -2.90 -24.07
C THR A 85 -2.50 -4.41 -24.21
N ASN A 86 -3.57 -4.86 -24.87
CA ASN A 86 -3.77 -6.29 -25.05
C ASN A 86 -2.75 -6.86 -26.05
N ASP A 87 -2.92 -8.14 -26.36
CA ASP A 87 -1.99 -8.83 -27.26
C ASP A 87 -2.01 -8.27 -28.67
N LEU A 88 -3.12 -7.66 -29.10
CA LEU A 88 -3.19 -7.08 -30.43
C LEU A 88 -2.56 -5.69 -30.51
N GLY A 89 -2.23 -5.09 -29.38
CA GLY A 89 -1.76 -3.72 -29.38
C GLY A 89 -2.84 -2.68 -29.19
N GLU A 90 -4.11 -3.09 -29.07
CA GLU A 90 -5.19 -2.17 -28.75
C GLU A 90 -5.01 -1.59 -27.36
N LYS A 91 -5.17 -0.28 -27.24
CA LYS A 91 -5.25 0.35 -25.93
C LYS A 91 -6.68 0.22 -25.41
N ILE A 92 -6.82 -0.38 -24.23
CA ILE A 92 -8.11 -0.53 -23.57
C ILE A 92 -8.10 0.35 -22.32
N ILE A 93 -9.08 1.25 -22.22
CA ILE A 93 -9.25 2.06 -21.04
C ILE A 93 -10.07 1.26 -20.04
N MET A 94 -9.54 1.08 -18.83
CA MET A 94 -10.20 0.28 -17.80
C MET A 94 -11.35 1.09 -17.18
N ARG A 95 -12.57 0.67 -17.48
CA ARG A 95 -13.76 1.10 -16.75
C ARG A 95 -14.54 -0.16 -16.42
N LEU A 96 -14.83 -0.36 -15.15
CA LEU A 96 -15.54 -1.56 -14.74
C LEU A 96 -17.04 -1.33 -14.72
N GLY A 97 -17.78 -2.43 -14.76
CA GLY A 97 -19.21 -2.38 -14.54
C GLY A 97 -19.99 -1.68 -15.63
N PRO A 98 -21.13 -1.06 -15.29
CA PRO A 98 -21.79 -0.89 -13.97
C PRO A 98 -22.16 -2.16 -13.21
N THR A 99 -22.15 -3.32 -13.85
CA THR A 99 -22.19 -4.58 -13.11
C THR A 99 -21.39 -5.63 -13.88
N GLU A 100 -21.51 -6.89 -13.42
CA GLU A 100 -20.52 -7.92 -13.73
C GLU A 100 -20.43 -8.24 -15.23
N GLU A 101 -21.51 -8.02 -15.97
CA GLU A 101 -21.55 -8.43 -17.37
C GLU A 101 -20.56 -7.64 -18.21
N GLU A 102 -20.60 -6.31 -18.11
CA GLU A 102 -19.69 -5.49 -18.89
C GLU A 102 -18.25 -5.63 -18.40
N THR A 103 -18.07 -5.97 -17.12
CA THR A 103 -16.72 -6.27 -16.64
C THR A 103 -16.17 -7.54 -17.28
N VAL A 104 -17.01 -8.58 -17.39
CA VAL A 104 -16.59 -9.80 -18.08
C VAL A 104 -16.28 -9.50 -19.54
N ALA A 105 -17.08 -8.63 -20.17
CA ALA A 105 -16.81 -8.24 -21.56
C ALA A 105 -15.45 -7.55 -21.70
N LEU A 106 -15.19 -6.57 -20.83
CA LEU A 106 -13.92 -5.84 -20.87
C LEU A 106 -12.73 -6.77 -20.59
N LEU A 107 -12.91 -7.72 -19.67
CA LEU A 107 -11.82 -8.64 -19.37
C LEU A 107 -11.61 -9.64 -20.49
N SER A 108 -12.68 -10.04 -21.19
CA SER A 108 -12.50 -10.86 -22.38
C SER A 108 -11.80 -10.09 -23.48
N LYS A 109 -11.97 -8.76 -23.49
CA LYS A 109 -11.22 -7.93 -24.44
C LYS A 109 -9.75 -7.82 -24.08
N VAL A 110 -9.41 -7.81 -22.78
CA VAL A 110 -7.99 -7.74 -22.42
C VAL A 110 -7.33 -9.13 -22.39
N LEU A 111 -8.09 -10.18 -22.12
CA LEU A 111 -7.53 -11.52 -21.92
C LEU A 111 -7.75 -12.45 -23.12
N ASN A 112 -7.87 -11.89 -24.34
CA ASN A 112 -8.03 -12.68 -25.56
C ASN A 112 -9.28 -13.58 -25.52
N GLY A 113 -10.29 -13.18 -24.76
CA GLY A 113 -11.52 -13.96 -24.71
C GLY A 113 -11.44 -15.25 -23.93
N ASN A 114 -10.66 -15.27 -22.85
CA ASN A 114 -10.64 -16.41 -21.93
C ASN A 114 -11.80 -16.20 -20.95
N LYS A 115 -12.90 -16.92 -21.17
CA LYS A 115 -14.16 -16.54 -20.54
C LYS A 115 -14.16 -16.79 -19.04
N LEU A 116 -13.54 -17.87 -18.57
CA LEU A 116 -13.65 -18.19 -17.14
C LEU A 116 -12.65 -17.41 -16.30
N ALA A 117 -11.51 -17.05 -16.85
CA ALA A 117 -10.63 -16.11 -16.17
C ALA A 117 -11.31 -14.75 -16.02
N SER A 118 -11.94 -14.26 -17.09
CA SER A 118 -12.70 -13.02 -17.03
C SER A 118 -13.82 -13.11 -16.00
N GLU A 119 -14.55 -14.23 -15.98
CA GLU A 119 -15.68 -14.37 -15.08
C GLU A 119 -15.23 -14.46 -13.63
N ALA A 120 -14.12 -15.16 -13.35
CA ALA A 120 -13.60 -15.22 -11.99
C ALA A 120 -13.12 -13.85 -11.51
N LEU A 121 -12.41 -13.13 -12.38
CA LEU A 121 -11.97 -11.78 -12.03
C LEU A 121 -13.16 -10.87 -11.73
N ALA A 122 -14.16 -10.84 -12.61
CA ALA A 122 -15.31 -9.98 -12.38
C ALA A 122 -16.12 -10.45 -11.16
N LYS A 123 -16.09 -11.75 -10.88
CA LYS A 123 -16.80 -12.29 -9.73
C LYS A 123 -16.21 -11.74 -8.43
N VAL A 124 -14.89 -11.75 -8.30
CA VAL A 124 -14.33 -11.23 -7.05
C VAL A 124 -14.19 -9.71 -7.09
N VAL A 125 -14.23 -9.09 -8.28
CA VAL A 125 -14.25 -7.64 -8.35
C VAL A 125 -15.56 -7.09 -7.81
N HIS A 126 -16.69 -7.66 -8.24
CA HIS A 126 -17.99 -7.12 -7.88
C HIS A 126 -18.57 -7.73 -6.58
N GLN A 127 -17.77 -8.49 -5.82
CA GLN A 127 -18.24 -9.16 -4.62
C GLN A 127 -18.20 -8.22 -3.41
N ASP A 128 -19.35 -8.03 -2.76
CA ASP A 128 -19.44 -7.07 -1.67
C ASP A 128 -18.59 -7.51 -0.47
N VAL A 129 -18.07 -6.52 0.25
CA VAL A 129 -17.21 -6.72 1.41
C VAL A 129 -17.76 -5.91 2.57
N PHE A 130 -17.91 -6.54 3.74
CA PHE A 130 -18.41 -5.84 4.91
C PHE A 130 -17.41 -5.90 6.05
N PHE A 131 -16.16 -5.60 5.75
CA PHE A 131 -15.07 -5.62 6.72
C PHE A 131 -15.04 -4.30 7.47
N SER A 132 -15.12 -4.36 8.80
CA SER A 132 -15.25 -3.17 9.63
C SER A 132 -14.20 -3.18 10.74
N ASP A 133 -14.22 -2.13 11.55
CA ASP A 133 -13.40 -2.00 12.75
C ASP A 133 -14.21 -1.24 13.80
N PRO A 134 -14.55 -1.89 14.92
CA PRO A 134 -15.29 -1.18 15.97
C PRO A 134 -14.54 0.00 16.54
N ALA A 135 -13.21 -0.04 16.51
CA ALA A 135 -12.40 1.07 17.03
C ALA A 135 -12.67 2.34 16.24
N LEU A 136 -12.64 2.26 14.91
CA LEU A 136 -12.82 3.42 14.06
C LEU A 136 -14.28 3.86 13.92
N ASP A 137 -15.22 3.00 14.32
CA ASP A 137 -16.64 3.29 14.09
C ASP A 137 -17.12 4.44 14.96
N SER A 138 -16.62 4.51 16.20
CA SER A 138 -17.02 5.59 17.11
C SER A 138 -16.26 6.88 16.87
N VAL A 139 -15.10 6.80 16.22
CA VAL A 139 -14.35 8.00 15.87
C VAL A 139 -15.16 8.82 14.87
N GLU A 140 -15.43 10.07 15.23
CA GLU A 140 -16.21 10.98 14.40
C GLU A 140 -15.33 12.18 14.11
N ILE A 141 -14.58 12.13 13.02
CA ILE A 141 -13.74 13.23 12.57
C ILE A 141 -14.14 13.58 11.15
N ASN A 142 -14.33 14.87 10.89
CA ASN A 142 -14.69 15.34 9.57
C ASN A 142 -13.55 16.13 8.96
N ILE A 143 -13.30 15.91 7.68
CA ILE A 143 -12.27 16.63 6.94
C ILE A 143 -12.90 17.13 5.64
N PRO A 144 -12.75 18.41 5.28
CA PRO A 144 -13.26 18.87 3.99
C PRO A 144 -12.64 18.08 2.85
N GLN A 145 -13.50 17.58 1.95
CA GLN A 145 -13.08 16.72 0.86
C GLN A 145 -12.14 17.44 -0.11
N ASP A 146 -12.33 18.74 -0.30
CA ASP A 146 -11.62 19.50 -1.32
C ASP A 146 -10.12 19.57 -1.09
N ILE A 147 -9.64 19.22 0.10
CA ILE A 147 -8.22 19.34 0.42
C ILE A 147 -7.48 18.02 0.33
N LEU A 148 -8.18 16.92 0.00
CA LEU A 148 -7.62 15.58 0.09
C LEU A 148 -7.09 15.10 -1.27
N GLY A 149 -5.83 14.67 -1.29
CA GLY A 149 -5.30 13.92 -2.41
C GLY A 149 -4.98 12.50 -1.96
N ILE A 150 -4.96 11.53 -2.87
CA ILE A 150 -4.78 10.13 -2.50
C ILE A 150 -3.71 9.51 -3.40
N TRP A 151 -2.68 8.93 -2.80
CA TRP A 151 -1.70 8.10 -3.50
C TRP A 151 -2.00 6.63 -3.23
N VAL A 152 -1.96 5.81 -4.26
CA VAL A 152 -2.30 4.40 -4.14
C VAL A 152 -1.23 3.58 -4.81
N ASP A 153 -0.65 2.65 -4.06
CA ASP A 153 0.06 1.54 -4.68
C ASP A 153 -0.82 0.31 -4.56
N PRO A 154 -1.41 -0.16 -5.66
CA PRO A 154 -2.32 -1.31 -5.57
C PRO A 154 -1.63 -2.58 -5.07
N ILE A 155 -0.43 -2.89 -5.55
CA ILE A 155 0.32 -4.05 -5.09
C ILE A 155 1.78 -3.66 -4.97
N ASP A 156 2.27 -3.57 -3.75
CA ASP A 156 3.68 -3.27 -3.52
C ASP A 156 4.47 -4.56 -3.33
N SER A 157 5.72 -4.55 -3.81
CA SER A 157 6.58 -5.73 -3.92
C SER A 157 5.98 -6.73 -4.90
N THR A 158 5.95 -6.31 -6.17
CA THR A 158 5.33 -7.11 -7.22
C THR A 158 6.14 -8.38 -7.48
N TYR A 159 7.46 -8.33 -7.32
CA TYR A 159 8.30 -9.49 -7.58
C TYR A 159 8.06 -10.59 -6.54
N GLN A 160 7.82 -10.20 -5.29
CA GLN A 160 7.49 -11.19 -4.27
C GLN A 160 6.10 -11.75 -4.49
N TYR A 161 5.18 -10.94 -5.01
CA TYR A 161 3.83 -11.41 -5.32
C TYR A 161 3.89 -12.49 -6.39
N ILE A 162 4.63 -12.23 -7.47
CA ILE A 162 4.70 -13.19 -8.57
C ILE A 162 5.54 -14.41 -8.17
N LYS A 163 6.58 -14.20 -7.35
CA LYS A 163 7.42 -15.32 -6.91
C LYS A 163 6.61 -16.31 -6.07
N GLY A 164 5.83 -15.80 -5.13
CA GLY A 164 4.85 -16.61 -4.44
C GLY A 164 5.37 -17.51 -3.34
N SER A 165 6.56 -17.21 -2.80
CA SER A 165 7.13 -18.02 -1.74
C SER A 165 6.25 -17.94 -0.49
N ALA A 166 5.88 -19.11 0.03
CA ALA A 166 5.08 -19.19 1.24
C ALA A 166 5.86 -19.75 2.43
N ASP A 167 6.99 -20.40 2.19
CA ASP A 167 7.71 -21.19 3.18
C ASP A 167 8.87 -20.44 3.83
N ILE A 168 8.94 -19.13 3.67
CA ILE A 168 10.09 -18.37 4.15
C ILE A 168 10.01 -18.20 5.66
N THR A 169 11.13 -18.40 6.33
CA THR A 169 11.22 -18.26 7.78
C THR A 169 11.84 -16.91 8.12
N PRO A 170 11.18 -16.10 8.96
CA PRO A 170 11.68 -14.74 9.21
C PRO A 170 12.96 -14.77 10.05
N ASN A 171 13.61 -13.61 10.09
CA ASN A 171 14.77 -13.37 10.95
C ASN A 171 14.38 -12.28 11.95
N GLN A 172 14.24 -12.66 13.22
CA GLN A 172 13.84 -11.75 14.29
C GLN A 172 12.55 -11.01 13.94
N GLY A 173 11.58 -11.77 13.40
CA GLY A 173 10.28 -11.23 13.09
C GLY A 173 10.16 -10.57 11.73
N ILE A 174 11.26 -10.43 11.00
CA ILE A 174 11.27 -9.70 9.73
C ILE A 174 11.46 -10.69 8.60
N PHE A 175 10.50 -10.73 7.70
CA PHE A 175 10.58 -11.60 6.53
C PHE A 175 11.54 -11.00 5.51
N PRO A 176 12.64 -11.69 5.16
CA PRO A 176 13.52 -11.17 4.10
C PRO A 176 12.88 -11.23 2.73
N SER A 177 11.92 -12.13 2.53
CA SER A 177 11.19 -12.22 1.27
C SER A 177 9.93 -13.05 1.53
N GLY A 178 9.13 -13.19 0.48
CA GLY A 178 7.92 -14.00 0.55
C GLY A 178 6.66 -13.15 0.46
N LEU A 179 5.53 -13.87 0.40
CA LEU A 179 4.25 -13.22 0.20
C LEU A 179 3.89 -12.28 1.35
N GLN A 180 4.50 -12.46 2.53
CA GLN A 180 4.27 -11.54 3.64
C GLN A 180 4.77 -10.13 3.34
N CYS A 181 5.67 -9.95 2.35
CA CYS A 181 6.16 -8.62 1.99
C CYS A 181 5.24 -7.85 1.04
N VAL A 182 4.14 -8.43 0.58
CA VAL A 182 3.24 -7.76 -0.35
C VAL A 182 2.25 -6.90 0.44
N THR A 183 1.99 -5.68 -0.06
CA THR A 183 1.09 -4.75 0.61
C THR A 183 0.26 -4.00 -0.42
N VAL A 184 -0.93 -3.58 0.00
CA VAL A 184 -1.74 -2.60 -0.67
C VAL A 184 -1.61 -1.32 0.14
N LEU A 185 -1.16 -0.23 -0.50
CA LEU A 185 -0.89 1.03 0.19
C LEU A 185 -1.85 2.11 -0.29
N ILE A 186 -2.65 2.66 0.62
CA ILE A 186 -3.54 3.77 0.30
C ILE A 186 -3.23 4.92 1.26
N GLY A 187 -2.69 6.01 0.74
CA GLY A 187 -2.35 7.18 1.55
C GLY A 187 -3.12 8.41 1.13
N VAL A 188 -3.55 9.19 2.12
CA VAL A 188 -4.26 10.45 1.89
C VAL A 188 -3.39 11.57 2.42
N TYR A 189 -3.25 12.63 1.63
CA TYR A 189 -2.41 13.76 1.98
C TYR A 189 -3.15 15.09 1.76
N ASP A 190 -2.57 16.14 2.36
CA ASP A 190 -3.11 17.49 2.25
C ASP A 190 -2.66 18.09 0.92
N ILE A 191 -3.63 18.51 0.11
CA ILE A 191 -3.32 19.00 -1.23
C ILE A 191 -2.52 20.30 -1.17
N GLN A 192 -2.81 21.15 -0.18
CA GLN A 192 -2.14 22.44 -0.09
C GLN A 192 -0.76 22.33 0.56
N THR A 193 -0.67 21.62 1.68
CA THR A 193 0.56 21.60 2.47
C THR A 193 1.45 20.39 2.20
N GLY A 194 0.93 19.33 1.59
CA GLY A 194 1.74 18.16 1.29
C GLY A 194 1.96 17.20 2.43
N VAL A 195 1.30 17.40 3.58
CA VAL A 195 1.44 16.53 4.73
C VAL A 195 0.55 15.30 4.55
N PRO A 196 1.02 14.10 4.89
CA PRO A 196 0.13 12.94 4.86
C PRO A 196 -0.87 13.00 6.00
N LEU A 197 -2.13 12.76 5.69
CA LEU A 197 -3.21 12.81 6.66
C LEU A 197 -3.73 11.43 7.08
N MET A 198 -3.92 10.51 6.14
CA MET A 198 -4.52 9.23 6.47
C MET A 198 -3.73 8.10 5.82
N GLY A 199 -3.77 6.91 6.44
CA GLY A 199 -3.02 5.80 5.90
C GLY A 199 -3.66 4.44 6.12
N VAL A 200 -3.69 3.60 5.08
CA VAL A 200 -4.13 2.22 5.17
C VAL A 200 -3.08 1.35 4.52
N ILE A 201 -2.66 0.31 5.23
CA ILE A 201 -1.77 -0.71 4.72
C ILE A 201 -2.47 -2.05 4.87
N ASN A 202 -2.62 -2.77 3.76
CA ASN A 202 -3.22 -4.11 3.79
C ASN A 202 -2.15 -5.13 3.42
N GLN A 203 -1.95 -6.11 4.30
CA GLN A 203 -1.04 -7.22 4.11
C GLN A 203 -1.88 -8.43 3.76
N PRO A 204 -2.06 -8.77 2.48
CA PRO A 204 -3.01 -9.83 2.11
C PRO A 204 -2.56 -11.23 2.48
N PHE A 205 -1.27 -11.44 2.75
CA PHE A 205 -0.69 -12.77 2.98
C PHE A 205 0.12 -12.73 4.27
N VAL A 206 -0.57 -12.77 5.41
CA VAL A 206 0.13 -12.81 6.69
C VAL A 206 0.29 -14.25 7.17
N SER A 207 -0.80 -15.01 7.23
CA SER A 207 -0.80 -16.36 7.76
C SER A 207 -1.48 -17.30 6.78
N GLN A 208 -0.85 -18.45 6.51
CA GLN A 208 -1.41 -19.47 5.63
C GLN A 208 -1.62 -20.75 6.41
N ASP A 209 -2.85 -21.25 6.43
CA ASP A 209 -3.10 -22.59 6.93
C ASP A 209 -2.41 -23.61 6.01
N LEU A 210 -1.59 -24.49 6.61
CA LEU A 210 -0.87 -25.48 5.83
C LEU A 210 -1.80 -26.49 5.18
N HIS A 211 -2.95 -26.76 5.80
CA HIS A 211 -3.85 -27.82 5.36
C HIS A 211 -4.94 -27.34 4.42
N THR A 212 -5.34 -26.07 4.50
CA THR A 212 -6.33 -25.54 3.56
C THR A 212 -5.73 -24.62 2.51
N ARG A 213 -4.47 -24.20 2.67
CA ARG A 213 -3.78 -23.28 1.76
C ARG A 213 -4.46 -21.92 1.68
N ARG A 214 -5.27 -21.56 2.68
CA ARG A 214 -5.94 -20.27 2.73
C ARG A 214 -5.10 -19.25 3.49
N TRP A 215 -5.07 -18.02 2.97
CA TRP A 215 -4.25 -16.97 3.54
C TRP A 215 -5.11 -16.01 4.35
N LYS A 216 -4.70 -15.75 5.59
CA LYS A 216 -5.29 -14.70 6.41
C LYS A 216 -4.42 -13.46 6.30
N GLY A 217 -5.07 -12.29 6.22
CA GLY A 217 -4.37 -11.03 6.07
C GLY A 217 -4.46 -10.17 7.32
N GLN A 218 -3.90 -8.97 7.20
CA GLN A 218 -3.96 -7.97 8.27
C GLN A 218 -4.07 -6.58 7.65
N CYS A 219 -4.58 -5.63 8.43
CA CYS A 219 -4.71 -4.27 7.95
C CYS A 219 -4.36 -3.31 9.07
N TYR A 220 -3.74 -2.19 8.72
CA TYR A 220 -3.28 -1.20 9.68
C TYR A 220 -3.71 0.17 9.17
N TRP A 221 -4.25 1.00 10.06
CA TRP A 221 -4.70 2.33 9.68
C TRP A 221 -4.18 3.38 10.65
N GLY A 222 -4.04 4.60 10.13
CA GLY A 222 -3.65 5.74 10.94
C GLY A 222 -4.25 7.03 10.41
N LEU A 223 -4.34 8.01 11.29
CA LEU A 223 -4.95 9.31 10.98
C LEU A 223 -4.27 10.38 11.82
N SER A 224 -3.91 11.50 11.17
CA SER A 224 -3.23 12.61 11.81
C SER A 224 -3.79 13.90 11.21
N TYR A 225 -4.71 14.52 11.93
CA TYR A 225 -5.44 15.68 11.42
C TYR A 225 -5.52 16.74 12.51
N LEU A 226 -4.85 17.87 12.27
CA LEU A 226 -4.95 19.07 13.09
C LEU A 226 -4.73 18.75 14.57
N GLY A 227 -3.61 18.11 14.87
CA GLY A 227 -3.24 17.77 16.22
C GLY A 227 -3.86 16.51 16.77
N THR A 228 -4.82 15.90 16.08
CA THR A 228 -5.41 14.64 16.54
C THR A 228 -4.74 13.47 15.83
N ASN A 229 -4.36 12.45 16.60
CA ASN A 229 -3.58 11.32 16.10
C ASN A 229 -4.19 10.03 16.62
N ILE A 230 -4.76 9.23 15.72
CA ILE A 230 -5.26 7.91 16.07
C ILE A 230 -4.66 6.87 15.14
N HIS A 231 -4.63 5.63 15.60
CA HIS A 231 -4.08 4.54 14.80
C HIS A 231 -4.74 3.23 15.21
N SER A 232 -4.66 2.25 14.31
CA SER A 232 -5.18 0.93 14.65
C SER A 232 -4.36 0.32 15.79
N LEU A 233 -4.97 -0.63 16.48
CA LEU A 233 -4.35 -1.29 17.62
C LEU A 233 -3.18 -2.16 17.16
N LEU A 234 -2.01 -1.94 17.75
CA LEU A 234 -0.86 -2.72 17.33
C LEU A 234 -0.73 -3.99 18.17
N PRO A 235 -0.35 -5.12 17.57
CA PRO A 235 -0.04 -6.29 18.37
C PRO A 235 1.19 -6.04 19.24
N PRO A 236 1.29 -6.71 20.39
CA PRO A 236 2.45 -6.48 21.26
C PRO A 236 3.72 -7.11 20.70
N VAL A 237 4.83 -6.40 20.90
CA VAL A 237 6.14 -6.86 20.43
C VAL A 237 7.20 -6.51 21.45
N SER A 262 21.50 -2.15 20.06
CA SER A 262 21.12 -0.76 20.25
C SER A 262 19.93 -0.37 19.38
N VAL A 263 20.15 -0.29 18.06
CA VAL A 263 19.08 0.01 17.11
C VAL A 263 18.97 -1.15 16.13
N VAL A 264 17.78 -1.28 15.54
CA VAL A 264 17.48 -2.29 14.53
C VAL A 264 17.09 -1.55 13.25
N ILE A 265 17.73 -1.92 12.13
CA ILE A 265 17.60 -1.20 10.87
C ILE A 265 17.12 -2.16 9.79
N SER A 266 16.19 -1.70 8.96
CA SER A 266 15.73 -2.44 7.79
C SER A 266 16.25 -1.75 6.54
N THR A 267 16.90 -2.53 5.66
CA THR A 267 17.28 -2.05 4.35
C THR A 267 16.67 -2.97 3.30
N SER A 268 16.63 -2.48 2.07
CA SER A 268 16.02 -3.21 0.97
C SER A 268 16.99 -4.27 0.44
N GLU A 269 16.56 -5.01 -0.57
CA GLU A 269 17.33 -6.14 -1.03
C GLU A 269 18.50 -5.76 -1.92
N LYS A 270 18.47 -4.57 -2.51
CA LYS A 270 19.53 -4.14 -3.42
C LYS A 270 20.26 -2.92 -2.87
N GLU A 271 20.14 -2.67 -1.57
CA GLU A 271 20.75 -1.51 -0.95
C GLU A 271 22.28 -1.60 -1.03
N THR A 272 22.90 -0.55 -1.59
CA THR A 272 24.35 -0.49 -1.77
C THR A 272 24.93 0.79 -1.20
N ARG A 284 20.94 -6.14 14.38
CA ARG A 284 21.49 -4.88 13.86
C ARG A 284 20.80 -4.47 12.55
N ILE A 285 21.20 -5.08 11.42
CA ILE A 285 20.73 -4.67 10.11
C ILE A 285 20.14 -5.87 9.38
N PHE A 286 18.86 -5.78 9.03
CA PHE A 286 18.12 -6.82 8.33
C PHE A 286 17.78 -6.37 6.91
N ARG A 287 17.71 -7.34 6.01
CA ARG A 287 17.26 -7.11 4.65
C ARG A 287 15.82 -7.62 4.51
N ALA A 288 15.02 -6.90 3.73
CA ALA A 288 13.62 -7.25 3.53
C ALA A 288 13.13 -6.65 2.23
N ALA A 289 12.17 -7.32 1.61
CA ALA A 289 11.54 -6.85 0.39
C ALA A 289 10.31 -6.01 0.72
N GLY A 290 10.03 -5.04 -0.15
CA GLY A 290 8.83 -4.22 0.01
C GLY A 290 9.04 -2.91 0.73
N ALA A 291 8.68 -1.80 0.07
CA ALA A 291 8.70 -0.50 0.74
C ALA A 291 7.63 -0.42 1.80
N GLY A 292 6.40 -0.82 1.43
CA GLY A 292 5.33 -0.88 2.41
C GLY A 292 5.66 -1.81 3.56
N TYR A 293 6.23 -2.97 3.26
CA TYR A 293 6.54 -3.93 4.32
C TYR A 293 7.61 -3.43 5.28
N LYS A 294 8.63 -2.75 4.76
CA LYS A 294 9.67 -2.23 5.65
C LYS A 294 9.13 -1.10 6.52
N SER A 295 8.33 -0.21 5.93
CA SER A 295 7.67 0.80 6.75
C SER A 295 6.79 0.15 7.82
N LEU A 296 6.15 -0.98 7.48
CA LEU A 296 5.36 -1.73 8.46
C LEU A 296 6.23 -2.27 9.59
N CYS A 297 7.40 -2.82 9.25
CA CYS A 297 8.34 -3.26 10.29
C CYS A 297 8.68 -2.13 11.25
N VAL A 298 8.83 -0.93 10.71
CA VAL A 298 9.08 0.22 11.59
C VAL A 298 7.83 0.54 12.43
N ILE A 299 6.65 0.50 11.81
CA ILE A 299 5.41 0.83 12.49
C ILE A 299 5.18 -0.10 13.68
N LEU A 300 5.28 -1.41 13.44
CA LEU A 300 5.02 -2.40 14.48
C LEU A 300 6.14 -2.49 15.52
N GLY A 301 7.29 -1.87 15.27
CA GLY A 301 8.41 -1.96 16.19
C GLY A 301 9.37 -3.09 15.91
N LEU A 302 9.16 -3.87 14.84
CA LEU A 302 10.12 -4.90 14.48
C LEU A 302 11.46 -4.31 14.10
N ALA A 303 11.50 -3.01 13.75
CA ALA A 303 12.72 -2.31 13.43
C ALA A 303 12.50 -0.83 13.74
N ASP A 304 13.59 -0.13 14.03
CA ASP A 304 13.50 1.26 14.48
C ASP A 304 13.81 2.28 13.40
N ILE A 305 14.52 1.89 12.35
CA ILE A 305 14.91 2.80 11.28
C ILE A 305 14.82 2.04 9.97
N TYR A 306 14.26 2.68 8.96
CA TYR A 306 14.23 2.14 7.60
C TYR A 306 14.90 3.17 6.70
N ILE A 307 16.06 2.82 6.15
CA ILE A 307 16.84 3.74 5.31
C ILE A 307 16.77 3.26 3.87
N PHE A 308 16.68 4.22 2.96
CA PHE A 308 16.74 3.93 1.53
C PHE A 308 17.52 5.04 0.86
N SER A 309 18.67 4.70 0.30
CA SER A 309 19.59 5.72 -0.20
C SER A 309 19.41 6.01 -1.69
N GLU A 310 18.76 5.12 -2.42
CA GLU A 310 18.50 5.35 -3.83
C GLU A 310 17.29 6.27 -4.00
N ASP A 311 16.96 6.54 -5.27
CA ASP A 311 15.83 7.41 -5.62
C ASP A 311 14.71 6.63 -6.29
N THR A 312 14.59 5.34 -5.96
CA THR A 312 13.66 4.44 -6.62
C THR A 312 12.39 4.18 -5.83
N THR A 313 12.12 4.98 -4.80
CA THR A 313 10.78 5.00 -4.19
C THR A 313 10.04 6.23 -4.67
N PHE A 314 8.73 6.21 -4.47
CA PHE A 314 7.84 7.27 -4.95
C PHE A 314 6.79 7.56 -3.87
N LYS A 315 5.99 8.59 -4.12
CA LYS A 315 5.01 9.06 -3.14
C LYS A 315 4.03 7.95 -2.75
N TRP A 316 3.62 7.12 -3.71
CA TRP A 316 2.70 6.05 -3.39
C TRP A 316 3.35 4.93 -2.57
N ASP A 317 4.67 4.80 -2.60
CA ASP A 317 5.34 3.81 -1.74
C ASP A 317 5.29 4.22 -0.29
N SER A 318 5.33 5.52 -0.01
CA SER A 318 5.62 6.02 1.33
C SER A 318 4.48 6.80 1.97
N CYS A 319 3.45 7.20 1.22
CA CYS A 319 2.44 8.13 1.72
C CYS A 319 1.62 7.53 2.86
N ALA A 320 1.02 6.36 2.62
CA ALA A 320 0.18 5.72 3.62
C ALA A 320 0.97 5.44 4.90
N ALA A 321 2.15 4.85 4.74
CA ALA A 321 2.98 4.50 5.87
C ALA A 321 3.46 5.75 6.62
N HIS A 322 3.78 6.80 5.88
CA HIS A 322 4.17 8.07 6.46
C HIS A 322 3.04 8.62 7.33
N ALA A 323 1.81 8.55 6.85
CA ALA A 323 0.68 9.02 7.63
C ALA A 323 0.50 8.20 8.90
N ILE A 324 0.57 6.87 8.79
CA ILE A 324 0.45 6.03 9.97
C ILE A 324 1.57 6.33 10.96
N LEU A 325 2.80 6.48 10.46
CA LEU A 325 3.94 6.80 11.32
C LEU A 325 3.76 8.15 11.98
N ARG A 326 3.22 9.12 11.24
CA ARG A 326 2.97 10.44 11.81
C ARG A 326 1.97 10.37 12.94
N ALA A 327 0.95 9.51 12.82
CA ALA A 327 -0.01 9.34 13.91
C ALA A 327 0.62 8.77 15.18
N MET A 328 1.89 8.37 15.13
CA MET A 328 2.56 7.73 16.25
C MET A 328 3.80 8.52 16.70
N GLY A 329 3.89 9.79 16.34
CA GLY A 329 5.07 10.56 16.70
C GLY A 329 6.25 10.42 15.77
N GLY A 330 6.16 9.56 14.76
CA GLY A 330 7.25 9.32 13.84
C GLY A 330 7.09 10.09 12.56
N GLY A 331 7.80 9.65 11.53
CA GLY A 331 7.70 10.28 10.24
C GLY A 331 8.70 9.71 9.26
N MET A 332 8.76 10.37 8.11
CA MET A 332 9.74 10.06 7.08
C MET A 332 10.48 11.35 6.72
N VAL A 333 11.81 11.30 6.75
CA VAL A 333 12.64 12.45 6.41
C VAL A 333 13.45 12.16 5.16
N ASP A 334 13.84 13.23 4.49
CA ASP A 334 14.69 13.15 3.30
C ASP A 334 16.12 12.85 3.73
N LEU A 335 16.66 11.74 3.23
CA LEU A 335 17.96 11.25 3.70
C LEU A 335 19.08 12.20 3.31
N LYS A 336 19.17 12.55 2.02
CA LYS A 336 20.22 13.44 1.55
C LYS A 336 20.16 14.80 2.25
N GLU A 337 18.95 15.27 2.59
CA GLU A 337 18.81 16.55 3.25
C GLU A 337 19.34 16.50 4.69
N CYS A 338 19.14 15.37 5.37
CA CYS A 338 19.64 15.26 6.74
C CYS A 338 21.17 15.13 6.77
N LEU A 339 21.75 14.50 5.75
CA LEU A 339 23.19 14.28 5.73
C LEU A 339 23.98 15.54 5.41
N GLU A 340 23.38 16.47 4.68
CA GLU A 340 23.93 17.82 4.56
C GLU A 340 23.41 18.76 5.63
N ARG A 341 22.61 18.25 6.57
CA ARG A 341 21.97 19.02 7.63
C ARG A 341 21.18 20.21 7.08
N PRO A 350 12.95 18.02 7.71
CA PRO A 350 12.71 17.89 6.26
C PRO A 350 11.87 16.66 5.92
N GLN A 351 10.61 16.67 6.31
CA GLN A 351 9.72 15.54 6.05
C GLN A 351 9.38 15.47 4.56
N LEU A 352 9.19 14.24 4.06
CA LEU A 352 8.69 14.05 2.71
C LEU A 352 7.32 14.72 2.55
N VAL A 353 7.13 15.40 1.41
CA VAL A 353 5.84 15.99 1.06
C VAL A 353 5.28 15.26 -0.14
N TYR A 354 3.98 15.41 -0.34
CA TYR A 354 3.28 14.61 -1.34
C TYR A 354 2.45 15.42 -2.33
N HIS A 355 2.50 16.76 -2.26
CA HIS A 355 1.75 17.60 -3.18
C HIS A 355 2.57 18.11 -4.36
N VAL A 356 3.88 18.29 -4.21
CA VAL A 356 4.72 18.80 -5.28
C VAL A 356 5.69 17.70 -5.72
N GLY A 357 5.91 17.60 -7.02
CA GLY A 357 6.85 16.66 -7.58
C GLY A 357 8.20 17.27 -7.88
N ASN A 358 8.95 16.61 -8.75
CA ASN A 358 10.29 17.07 -9.10
C ASN A 358 10.34 17.67 -10.51
N GLN A 366 9.83 11.98 -11.38
CA GLN A 366 9.00 13.15 -11.16
C GLN A 366 8.26 13.08 -9.83
N TRP A 367 7.59 11.95 -9.59
CA TRP A 367 6.99 11.65 -8.31
C TRP A 367 7.90 10.78 -7.45
N ALA A 368 9.20 10.76 -7.74
CA ALA A 368 10.15 9.98 -6.96
C ALA A 368 10.58 10.72 -5.71
N ASN A 369 10.79 9.97 -4.63
CA ASN A 369 11.43 10.49 -3.43
C ASN A 369 12.93 10.55 -3.68
N LYS A 370 13.35 11.61 -4.38
CA LYS A 370 14.76 11.83 -4.64
C LYS A 370 15.51 12.07 -3.33
N GLY A 371 16.71 11.51 -3.23
CA GLY A 371 17.47 11.65 -2.01
C GLY A 371 17.18 10.61 -0.95
N GLY A 372 16.37 9.60 -1.23
CA GLY A 372 16.13 8.54 -0.28
C GLY A 372 15.37 9.02 0.95
N LEU A 373 15.22 8.10 1.90
CA LEU A 373 14.37 8.37 3.05
C LEU A 373 14.93 7.67 4.28
N ILE A 374 14.58 8.22 5.42
CA ILE A 374 14.60 7.50 6.68
C ILE A 374 13.17 7.49 7.23
N ALA A 375 12.68 6.31 7.57
CA ALA A 375 11.39 6.14 8.22
C ALA A 375 11.64 5.74 9.66
N TYR A 376 10.94 6.39 10.58
CA TYR A 376 11.20 6.22 12.00
C TYR A 376 9.90 6.37 12.77
N ARG A 377 9.81 5.67 13.89
CA ARG A 377 8.65 5.82 14.78
C ARG A 377 8.92 6.75 15.95
N SER A 378 10.17 6.87 16.38
CA SER A 378 10.54 7.71 17.52
C SER A 378 11.66 8.64 17.10
N GLU A 379 11.45 9.95 17.28
CA GLU A 379 12.49 10.91 16.91
C GLU A 379 13.72 10.78 17.78
N LYS A 380 13.55 10.25 19.00
CA LYS A 380 14.70 9.88 19.84
C LYS A 380 15.65 8.96 19.08
N GLN A 381 15.12 7.85 18.55
CA GLN A 381 15.94 6.92 17.77
C GLN A 381 16.52 7.58 16.54
N LEU A 382 15.78 8.51 15.92
CA LEU A 382 16.29 9.15 14.70
C LEU A 382 17.49 10.03 15.02
N GLU A 383 17.44 10.79 16.11
CA GLU A 383 18.56 11.67 16.46
C GLU A 383 19.76 10.85 16.92
N THR A 384 19.52 9.83 17.75
CA THR A 384 20.56 8.88 18.11
C THR A 384 21.26 8.34 16.86
N PHE A 385 20.47 7.83 15.93
CA PHE A 385 21.01 7.18 14.75
C PHE A 385 21.78 8.17 13.87
N LEU A 386 21.27 9.39 13.69
CA LEU A 386 21.95 10.33 12.81
C LEU A 386 23.27 10.80 13.41
N SER A 387 23.29 11.02 14.73
CA SER A 387 24.52 11.32 15.45
C SER A 387 25.58 10.26 15.20
N ARG A 388 25.26 9.03 15.64
CA ARG A 388 26.21 7.94 15.47
C ARG A 388 26.55 7.70 14.01
N LEU A 389 25.63 8.00 13.10
CA LEU A 389 25.83 7.73 11.69
C LEU A 389 26.88 8.66 11.10
N LEU A 390 26.73 9.97 11.29
CA LEU A 390 27.63 10.87 10.58
C LEU A 390 28.82 11.31 11.42
N GLN A 391 28.95 10.84 12.66
CA GLN A 391 30.31 10.82 13.17
C GLN A 391 31.14 9.71 12.52
N HIS A 392 30.52 8.88 11.68
CA HIS A 392 31.12 7.82 10.85
C HIS A 392 31.47 6.58 11.66
C1 2IP B . 9.05 -1.34 -5.60
C2 2IP B . 8.76 -1.95 -4.25
C3 2IP B . 10.07 -2.51 -3.88
C4 2IP B . 11.17 -1.51 -3.66
C5 2IP B . 11.34 -0.75 -4.97
C6 2IP B . 10.00 -0.20 -5.35
O1 2IP B . 7.82 -1.01 -6.14
O2 2IP B . 8.48 -0.99 -3.29
O3 2IP B . 9.77 -3.18 -2.71
O4 2IP B . 12.33 -2.19 -3.55
O5 2IP B . 12.33 0.21 -4.76
O6 2IP B . 10.22 0.47 -6.55
P4 2IP B . 12.69 -3.10 -2.24
O41 2IP B . 12.29 -2.45 -0.96
O42 2IP B . 14.22 -3.52 -2.49
O43 2IP B . 11.88 -4.48 -2.38
P1 2IP B . 6.99 -2.18 -6.87
O11 2IP B . 5.53 -1.75 -6.63
O12 2IP B . 7.06 -3.47 -6.20
O13 2IP B . 7.35 -2.25 -8.41
CA CA C . 5.90 0.03 -5.09
CA CA D . 3.32 -1.51 -7.28
#